data_3SJ2
#
_entry.id   3SJ2
#
_cell.length_a   55.660
_cell.length_b   32.320
_cell.length_c   69.442
_cell.angle_alpha   90.00
_cell.angle_beta   108.95
_cell.angle_gamma   90.00
#
_symmetry.space_group_name_H-M   'C 1 2 1'
#
loop_
_entity.id
_entity.type
_entity.pdbx_description
1 polymer "RNA (5'-R(*UP*UP*GP*GP*GP*CP*CP*GP*GP*CP*GP*GP*CP*GP*GP*GP*UP*CP*C)-3')"
2 polymer "RNA (5'-R(P*GP*GP*GP*CP*CP*GP*GP*CP*GP*GP*CP*GP*GP*GP*UP*CP*C)-3')"
3 non-polymer 'ACETATE ION'
4 water water
#
loop_
_entity_poly.entity_id
_entity_poly.type
_entity_poly.pdbx_seq_one_letter_code
_entity_poly.pdbx_strand_id
1 'polyribonucleotide' UUGGGCCGGCGGCGGGUCC A
2 'polyribonucleotide' GGGCCGGCGGCGGGUCC B
#
loop_
_chem_comp.id
_chem_comp.type
_chem_comp.name
_chem_comp.formula
ACT non-polymer 'ACETATE ION' 'C2 H3 O2 -1'
C RNA linking CYTIDINE-5'-MONOPHOSPHATE 'C9 H14 N3 O8 P'
G RNA linking GUANOSINE-5'-MONOPHOSPHATE 'C10 H14 N5 O8 P'
U RNA linking URIDINE-5'-MONOPHOSPHATE 'C9 H13 N2 O9 P'
#
# COMPACT_ATOMS: atom_id res chain seq x y z
C ACT C . 10.44 -7.52 1.43
O ACT C . 9.96 -6.44 1.07
OXT ACT C . 10.85 -8.25 0.53
CH3 ACT C . 10.42 -7.98 2.86
H1 ACT C . 10.81 -8.99 2.92
H2 ACT C . 9.39 -7.95 3.23
H3 ACT C . 11.04 -7.31 3.46
C ACT D . -10.09 8.05 -1.51
O ACT D . -10.74 8.79 -0.74
OXT ACT D . -8.93 7.77 -1.15
CH3 ACT D . -10.67 7.54 -2.79
H1 ACT D . -9.95 6.92 -3.30
H2 ACT D . -11.57 6.96 -2.58
H3 ACT D . -10.95 8.39 -3.43
#